data_1P4O
#
_entry.id   1P4O
#
_cell.length_a   52.95
_cell.length_b   85.56
_cell.length_c   78.88
_cell.angle_alpha   90
_cell.angle_beta   99.1
_cell.angle_gamma   90
#
_symmetry.space_group_name_H-M   'P 1 21 1'
#
loop_
_entity.id
_entity.type
_entity.pdbx_description
1 polymer 'Insulin-like growth factor I receptor protein'
2 water water
#
_entity_poly.entity_id   1
_entity_poly.type   'polypeptide(L)'
_entity_poly.pdbx_seq_one_letter_code
;MASVNPEYFSAADVYVPDEWEVAREKITMSRELGQGSFGMVYEGVAKGVVKDEPETRVAIKTVNEAASMRERIEFLNEAS
VMKEFNCHHVVRLLGVVSQGQPTLVIMELMTRGDLKSYLRSLRPAMANNPVLAPPSLSKMIQMAGEIADGMAYLNANKFV
HRDLAARNCMVAEDFTVKIGDFGMTRDIYETDYYRKGGKGLLPVRWMSPESLKDGVFTTYSDVWSFGVVLWEIATLAEQP
YQGLSNEQVLRFVMEGGLLDKPDNCPDMLFELMRMCWQYNPKMRPSFLEIISSIKEEMEPGFREVSFYYSEENKLPEPEE
LD
;
_entity_poly.pdbx_strand_id   A,B
#
# COMPACT_ATOMS: atom_id res chain seq x y z
N PRO A 6 -0.25 -4.31 2.16
CA PRO A 6 -1.57 -4.94 2.08
C PRO A 6 -2.41 -4.36 0.95
N GLU A 7 -3.03 -5.23 0.16
CA GLU A 7 -3.85 -4.80 -0.95
C GLU A 7 -5.20 -5.52 -0.95
N TYR A 8 -5.19 -6.85 -0.84
CA TYR A 8 -6.42 -7.61 -0.83
C TYR A 8 -7.25 -7.23 0.39
N PHE A 9 -6.59 -7.15 1.54
CA PHE A 9 -7.23 -6.72 2.79
C PHE A 9 -6.41 -5.48 3.16
N SER A 10 -7.07 -4.33 3.21
CA SER A 10 -6.36 -3.09 3.50
C SER A 10 -7.07 -2.18 4.50
N ALA A 11 -6.42 -1.07 4.83
CA ALA A 11 -7.00 -0.11 5.75
C ALA A 11 -8.09 0.67 5.00
N ALA A 12 -9.08 1.13 5.73
CA ALA A 12 -10.18 1.89 5.14
C ALA A 12 -9.75 3.27 4.70
N ASP A 13 -10.48 3.82 3.74
CA ASP A 13 -10.19 5.16 3.24
C ASP A 13 -10.86 6.17 4.15
N VAL A 14 -10.26 6.35 5.32
CA VAL A 14 -10.79 7.30 6.29
C VAL A 14 -9.61 7.92 7.02
N TYR A 15 -9.85 9.08 7.62
CA TYR A 15 -8.83 9.75 8.39
C TYR A 15 -9.47 10.17 9.71
N VAL A 16 -8.85 9.75 10.80
CA VAL A 16 -9.36 10.08 12.13
C VAL A 16 -8.49 11.18 12.72
N PRO A 17 -9.06 12.37 12.95
CA PRO A 17 -8.29 13.48 13.53
C PRO A 17 -7.70 13.10 14.88
N ASP A 18 -6.46 13.50 15.11
CA ASP A 18 -5.79 13.21 16.37
C ASP A 18 -5.07 14.44 16.89
N GLU A 19 -4.06 14.24 17.73
CA GLU A 19 -3.30 15.33 18.32
C GLU A 19 -2.55 16.20 17.31
N TRP A 20 -2.44 15.73 16.08
CA TRP A 20 -1.74 16.50 15.04
C TRP A 20 -2.64 17.52 14.36
N GLU A 21 -3.93 17.45 14.65
CA GLU A 21 -4.88 18.38 14.05
C GLU A 21 -4.61 19.80 14.52
N VAL A 22 -4.57 20.73 13.57
CA VAL A 22 -4.34 22.14 13.88
C VAL A 22 -5.55 22.94 13.41
N ALA A 23 -6.04 23.85 14.24
CA ALA A 23 -7.18 24.68 13.86
C ALA A 23 -6.76 25.62 12.75
N ARG A 24 -7.60 25.75 11.72
CA ARG A 24 -7.28 26.61 10.60
C ARG A 24 -7.07 28.06 11.07
N GLU A 25 -7.63 28.40 12.22
CA GLU A 25 -7.50 29.74 12.79
C GLU A 25 -6.04 30.06 13.15
N LYS A 26 -5.23 29.04 13.35
CA LYS A 26 -3.83 29.25 13.72
C LYS A 26 -2.90 29.31 12.51
N ILE A 27 -3.49 29.34 11.32
CA ILE A 27 -2.71 29.35 10.09
C ILE A 27 -2.98 30.57 9.21
N THR A 28 -1.96 31.00 8.48
CA THR A 28 -2.10 32.10 7.53
C THR A 28 -1.22 31.78 6.32
N MET A 29 -1.71 32.14 5.13
CA MET A 29 -0.99 31.89 3.88
C MET A 29 -0.26 33.17 3.47
N SER A 30 1.02 33.02 3.11
CA SER A 30 1.82 34.18 2.71
C SER A 30 1.98 34.30 1.20
N ARG A 31 2.43 33.23 0.55
CA ARG A 31 2.62 33.25 -0.89
C ARG A 31 2.76 31.85 -1.47
N GLU A 32 2.61 31.74 -2.79
CA GLU A 32 2.74 30.46 -3.49
C GLU A 32 4.20 30.08 -3.63
N LEU A 33 4.49 28.79 -3.48
CA LEU A 33 5.85 28.28 -3.62
C LEU A 33 6.01 27.47 -4.90
N GLY A 34 4.95 26.77 -5.28
CA GLY A 34 5.00 25.96 -6.48
C GLY A 34 3.96 24.85 -6.46
N GLN A 35 3.65 24.32 -7.63
CA GLN A 35 2.67 23.24 -7.74
C GLN A 35 3.26 21.92 -7.27
N GLY A 36 2.61 21.29 -6.30
CA GLY A 36 3.07 20.01 -5.80
C GLY A 36 2.24 18.91 -6.45
N SER A 37 2.54 17.66 -6.12
CA SER A 37 1.82 16.53 -6.69
C SER A 37 0.32 16.57 -6.42
N PHE A 38 -0.06 16.97 -5.21
CA PHE A 38 -1.47 17.02 -4.82
C PHE A 38 -2.13 18.37 -5.01
N GLY A 39 -1.33 19.43 -5.09
CA GLY A 39 -1.88 20.75 -5.25
C GLY A 39 -0.85 21.82 -4.94
N MET A 40 -1.27 23.07 -4.98
CA MET A 40 -0.37 24.19 -4.71
C MET A 40 0.25 24.11 -3.32
N VAL A 41 1.52 24.47 -3.24
CA VAL A 41 2.24 24.49 -1.96
C VAL A 41 2.45 25.96 -1.64
N TYR A 42 2.25 26.33 -0.37
CA TYR A 42 2.42 27.72 0.04
C TYR A 42 3.40 27.87 1.18
N GLU A 43 3.85 29.10 1.39
CA GLU A 43 4.70 29.41 2.52
C GLU A 43 3.72 30.15 3.42
N GLY A 44 3.83 29.95 4.72
CA GLY A 44 2.92 30.65 5.61
C GLY A 44 3.41 30.68 7.04
N VAL A 45 2.48 30.88 7.96
CA VAL A 45 2.79 30.93 9.38
C VAL A 45 1.76 30.11 10.16
N ALA A 46 2.24 29.38 11.16
CA ALA A 46 1.36 28.56 11.99
C ALA A 46 1.70 28.79 13.45
N LYS A 47 0.67 28.95 14.27
CA LYS A 47 0.86 29.18 15.70
C LYS A 47 0.75 27.87 16.48
N GLY A 48 1.57 27.74 17.52
CA GLY A 48 1.54 26.56 18.36
C GLY A 48 1.95 25.22 17.76
N VAL A 49 2.87 25.23 16.82
CA VAL A 49 3.32 23.98 16.21
C VAL A 49 4.71 23.58 16.67
N VAL A 50 5.42 24.54 17.26
CA VAL A 50 6.77 24.27 17.76
C VAL A 50 6.84 24.71 19.21
N LYS A 51 7.41 23.85 20.05
CA LYS A 51 7.53 24.14 21.48
C LYS A 51 8.27 25.45 21.71
N ASP A 52 7.78 26.24 22.67
CA ASP A 52 8.38 27.51 23.03
C ASP A 52 8.46 28.51 21.87
N GLU A 53 7.61 28.31 20.86
CA GLU A 53 7.57 29.21 19.71
C GLU A 53 6.14 29.65 19.45
N PRO A 54 5.83 30.93 19.71
CA PRO A 54 4.47 31.45 19.49
C PRO A 54 3.98 31.20 18.06
N GLU A 55 4.84 31.51 17.09
CA GLU A 55 4.50 31.29 15.69
C GLU A 55 5.71 30.77 14.92
N THR A 56 5.46 30.02 13.87
CA THR A 56 6.52 29.42 13.08
C THR A 56 6.28 29.56 11.58
N ARG A 57 7.34 29.86 10.83
CA ARG A 57 7.23 29.97 9.38
C ARG A 57 7.13 28.52 8.91
N VAL A 58 6.18 28.24 8.03
CA VAL A 58 5.97 26.88 7.58
C VAL A 58 5.67 26.76 6.09
N ALA A 59 5.74 25.52 5.60
CA ALA A 59 5.40 25.21 4.22
C ALA A 59 4.01 24.61 4.38
N ILE A 60 3.10 24.94 3.47
CA ILE A 60 1.74 24.42 3.57
C ILE A 60 1.35 23.72 2.28
N LYS A 61 1.23 22.40 2.34
CA LYS A 61 0.84 21.62 1.17
C LYS A 61 -0.68 21.51 1.17
N THR A 62 -1.28 21.68 0.01
CA THR A 62 -2.74 21.60 -0.11
C THR A 62 -3.14 20.56 -1.14
N VAL A 63 -4.42 20.21 -1.13
CA VAL A 63 -4.96 19.25 -2.07
C VAL A 63 -5.91 20.04 -2.97
N ASN A 64 -5.71 19.92 -4.29
CA ASN A 64 -6.55 20.63 -5.23
C ASN A 64 -8.01 20.38 -4.92
N GLU A 65 -8.79 21.46 -4.90
CA GLU A 65 -10.22 21.40 -4.61
C GLU A 65 -10.96 20.42 -5.50
N ALA A 66 -10.41 20.15 -6.68
CA ALA A 66 -11.04 19.24 -7.64
C ALA A 66 -10.69 17.77 -7.43
N ALA A 67 -9.82 17.49 -6.47
CA ALA A 67 -9.42 16.11 -6.20
C ALA A 67 -10.58 15.31 -5.61
N SER A 68 -10.52 13.99 -5.76
CA SER A 68 -11.57 13.13 -5.23
C SER A 68 -11.34 12.96 -3.73
N MET A 69 -12.34 12.45 -3.03
CA MET A 69 -12.19 12.25 -1.59
C MET A 69 -11.09 11.22 -1.33
N ARG A 70 -10.98 10.25 -2.22
CA ARG A 70 -9.96 9.22 -2.08
C ARG A 70 -8.57 9.86 -2.12
N GLU A 71 -8.38 10.80 -3.04
CA GLU A 71 -7.09 11.49 -3.17
C GLU A 71 -6.79 12.32 -1.93
N ARG A 72 -7.81 12.95 -1.36
CA ARG A 72 -7.61 13.75 -0.16
C ARG A 72 -7.18 12.81 0.97
N ILE A 73 -7.77 11.61 1.00
CA ILE A 73 -7.44 10.63 2.03
C ILE A 73 -6.00 10.13 1.87
N GLU A 74 -5.62 9.82 0.63
CA GLU A 74 -4.27 9.35 0.35
C GLU A 74 -3.26 10.40 0.82
N PHE A 75 -3.60 11.66 0.59
CA PHE A 75 -2.76 12.79 0.98
C PHE A 75 -2.52 12.72 2.49
N LEU A 76 -3.61 12.61 3.24
CA LEU A 76 -3.53 12.55 4.70
C LEU A 76 -2.79 11.28 5.15
N ASN A 77 -2.99 10.19 4.42
CA ASN A 77 -2.34 8.90 4.71
C ASN A 77 -0.83 9.08 4.68
N GLU A 78 -0.34 9.70 3.61
CA GLU A 78 1.08 9.94 3.42
C GLU A 78 1.66 10.83 4.52
N ALA A 79 0.91 11.86 4.89
CA ALA A 79 1.38 12.77 5.93
C ALA A 79 1.48 12.01 7.25
N SER A 80 0.51 11.15 7.52
CA SER A 80 0.47 10.38 8.76
C SER A 80 1.69 9.49 8.96
N VAL A 81 2.29 9.02 7.87
CA VAL A 81 3.48 8.18 8.00
C VAL A 81 4.56 8.92 8.76
N MET A 82 4.65 10.23 8.51
CA MET A 82 5.66 11.06 9.14
C MET A 82 5.39 11.44 10.60
N LYS A 83 4.20 11.12 11.10
CA LYS A 83 3.87 11.44 12.47
C LYS A 83 4.83 10.75 13.43
N GLU A 84 5.40 9.62 12.99
CA GLU A 84 6.33 8.88 13.83
C GLU A 84 7.79 9.21 13.59
N PHE A 85 8.07 10.24 12.79
CA PHE A 85 9.45 10.61 12.50
C PHE A 85 9.94 11.75 13.40
N ASN A 86 11.17 11.64 13.86
CA ASN A 86 11.79 12.65 14.70
C ASN A 86 13.28 12.64 14.40
N CYS A 87 13.65 13.19 13.25
CA CYS A 87 15.02 13.25 12.81
C CYS A 87 15.37 14.62 12.25
N HIS A 88 16.49 15.17 12.71
CA HIS A 88 16.93 16.47 12.26
C HIS A 88 17.20 16.52 10.76
N HIS A 89 17.49 15.37 10.16
CA HIS A 89 17.79 15.32 8.73
C HIS A 89 16.67 14.81 7.82
N VAL A 90 15.44 14.92 8.31
CA VAL A 90 14.26 14.56 7.55
C VAL A 90 13.30 15.71 7.80
N VAL A 91 12.76 16.30 6.73
CA VAL A 91 11.84 17.42 6.88
C VAL A 91 10.69 16.99 7.79
N ARG A 92 10.43 17.79 8.82
CA ARG A 92 9.41 17.48 9.82
C ARG A 92 7.97 17.87 9.55
N LEU A 93 7.05 16.97 9.94
CA LEU A 93 5.63 17.22 9.83
C LEU A 93 5.32 18.07 11.07
N LEU A 94 4.55 19.13 10.90
CA LEU A 94 4.21 19.99 12.02
C LEU A 94 2.72 19.95 12.38
N GLY A 95 1.88 19.58 11.41
CA GLY A 95 0.46 19.53 11.70
C GLY A 95 -0.40 19.18 10.50
N VAL A 96 -1.66 18.87 10.78
CA VAL A 96 -2.60 18.51 9.73
C VAL A 96 -3.92 19.26 9.92
N VAL A 97 -4.55 19.63 8.82
CA VAL A 97 -5.85 20.29 8.86
C VAL A 97 -6.72 19.42 7.96
N SER A 98 -7.49 18.53 8.57
CA SER A 98 -8.35 17.61 7.83
C SER A 98 -9.81 18.03 7.81
N GLN A 99 -10.12 19.16 8.42
CA GLN A 99 -11.49 19.65 8.46
C GLN A 99 -11.63 20.86 7.54
N GLY A 100 -12.68 20.88 6.73
CA GLY A 100 -12.89 21.99 5.82
C GLY A 100 -12.03 21.91 4.58
N GLN A 101 -12.07 22.95 3.76
CA GLN A 101 -11.27 22.96 2.54
C GLN A 101 -10.45 24.23 2.36
N PRO A 102 -9.25 24.09 1.77
CA PRO A 102 -8.75 22.79 1.32
C PRO A 102 -8.05 22.00 2.44
N THR A 103 -7.84 20.71 2.19
CA THR A 103 -7.16 19.85 3.14
C THR A 103 -5.72 20.35 3.15
N LEU A 104 -5.11 20.46 4.34
CA LEU A 104 -3.75 20.97 4.43
C LEU A 104 -2.82 20.14 5.30
N VAL A 105 -1.54 20.16 4.95
CA VAL A 105 -0.51 19.49 5.72
C VAL A 105 0.54 20.57 5.99
N ILE A 106 0.86 20.78 7.27
CA ILE A 106 1.83 21.81 7.66
C ILE A 106 3.20 21.17 7.88
N MET A 107 4.20 21.66 7.13
CA MET A 107 5.56 21.13 7.18
C MET A 107 6.64 22.15 7.53
N GLU A 108 7.78 21.63 7.98
CA GLU A 108 8.94 22.44 8.31
C GLU A 108 9.31 23.16 7.00
N LEU A 109 9.55 24.46 7.07
CA LEU A 109 9.91 25.23 5.88
C LEU A 109 11.40 25.09 5.56
N MET A 110 11.69 24.84 4.29
CA MET A 110 13.07 24.70 3.81
C MET A 110 13.23 25.85 2.80
N THR A 111 13.66 26.99 3.33
CA THR A 111 13.79 28.21 2.54
C THR A 111 14.66 28.22 1.28
N ARG A 112 15.60 27.29 1.17
CA ARG A 112 16.45 27.29 0.00
C ARG A 112 16.03 26.30 -1.09
N GLY A 113 14.86 25.69 -0.91
CA GLY A 113 14.32 24.77 -1.91
C GLY A 113 14.99 23.41 -2.03
N ASP A 114 14.75 22.73 -3.14
CA ASP A 114 15.33 21.40 -3.34
C ASP A 114 16.81 21.48 -3.73
N LEU A 115 17.54 20.42 -3.40
CA LEU A 115 18.97 20.36 -3.66
C LEU A 115 19.37 20.43 -5.13
N LYS A 116 18.55 19.88 -6.03
CA LYS A 116 18.89 19.93 -7.44
C LYS A 116 18.86 21.37 -7.94
N SER A 117 17.79 22.10 -7.60
CA SER A 117 17.67 23.50 -8.00
C SER A 117 18.80 24.31 -7.38
N TYR A 118 19.07 24.04 -6.10
CA TYR A 118 20.13 24.74 -5.38
C TYR A 118 21.48 24.54 -6.08
N LEU A 119 21.84 23.29 -6.34
CA LEU A 119 23.10 22.99 -6.99
C LEU A 119 23.25 23.66 -8.36
N ARG A 120 22.19 23.61 -9.16
CA ARG A 120 22.25 24.22 -10.49
C ARG A 120 22.38 25.74 -10.46
N SER A 121 21.87 26.37 -9.42
CA SER A 121 21.93 27.83 -9.30
C SER A 121 23.34 28.32 -8.97
N LEU A 122 24.20 27.40 -8.54
CA LEU A 122 25.56 27.77 -8.18
C LEU A 122 26.46 28.04 -9.38
N ARG A 123 26.23 27.32 -10.47
CA ARG A 123 27.05 27.48 -11.67
C ARG A 123 27.05 28.88 -12.27
N PRO A 124 25.87 29.45 -12.53
CA PRO A 124 25.83 30.79 -13.11
C PRO A 124 26.48 31.85 -12.22
N ALA A 125 26.42 31.65 -10.91
CA ALA A 125 27.01 32.58 -9.96
C ALA A 125 28.54 32.57 -10.07
N MET A 126 29.12 31.38 -10.23
CA MET A 126 30.55 31.24 -10.36
C MET A 126 31.03 31.78 -11.70
N ALA A 127 30.21 31.59 -12.73
CA ALA A 127 30.55 32.06 -14.06
C ALA A 127 30.62 33.58 -14.09
N ASN A 128 29.88 34.22 -13.17
CA ASN A 128 29.85 35.68 -13.12
C ASN A 128 30.87 36.31 -12.16
N ASN A 129 31.45 35.50 -11.27
CA ASN A 129 32.45 36.02 -10.33
C ASN A 129 33.57 35.02 -10.07
N PRO A 130 34.78 35.28 -10.60
CA PRO A 130 35.95 34.43 -10.44
C PRO A 130 36.34 34.17 -8.98
N VAL A 131 35.86 35.02 -8.08
CA VAL A 131 36.16 34.86 -6.66
C VAL A 131 35.50 33.62 -6.07
N LEU A 132 34.35 33.25 -6.61
CA LEU A 132 33.63 32.09 -6.12
C LEU A 132 34.19 30.79 -6.68
N ALA A 133 34.17 29.76 -5.84
CA ALA A 133 34.66 28.45 -6.22
C ALA A 133 33.58 27.43 -5.91
N PRO A 134 33.62 26.26 -6.57
CA PRO A 134 32.61 25.24 -6.31
C PRO A 134 32.67 24.79 -4.85
N PRO A 135 31.60 24.15 -4.36
CA PRO A 135 31.59 23.69 -2.96
C PRO A 135 32.83 22.86 -2.64
N SER A 136 33.45 23.16 -1.51
CA SER A 136 34.65 22.45 -1.08
C SER A 136 34.34 20.99 -0.77
N LEU A 137 35.38 20.19 -0.60
CA LEU A 137 35.19 18.79 -0.27
C LEU A 137 34.51 18.72 1.09
N SER A 138 34.87 19.63 1.99
CA SER A 138 34.29 19.67 3.32
C SER A 138 32.79 19.90 3.28
N LYS A 139 32.35 20.81 2.42
CA LYS A 139 30.93 21.10 2.30
C LYS A 139 30.18 19.95 1.65
N MET A 140 30.80 19.32 0.67
CA MET A 140 30.15 18.20 0.00
C MET A 140 30.02 17.01 0.94
N ILE A 141 31.03 16.79 1.78
CA ILE A 141 30.99 15.70 2.75
C ILE A 141 29.90 15.97 3.79
N GLN A 142 29.76 17.24 4.19
CA GLN A 142 28.75 17.61 5.17
C GLN A 142 27.36 17.27 4.61
N MET A 143 27.12 17.60 3.35
CA MET A 143 25.83 17.29 2.73
C MET A 143 25.64 15.77 2.66
N ALA A 144 26.68 15.07 2.26
CA ALA A 144 26.63 13.62 2.14
C ALA A 144 26.23 12.98 3.47
N GLY A 145 26.87 13.43 4.55
CA GLY A 145 26.57 12.90 5.86
C GLY A 145 25.16 13.21 6.34
N GLU A 146 24.68 14.41 6.01
CA GLU A 146 23.34 14.81 6.42
C GLU A 146 22.30 13.95 5.72
N ILE A 147 22.47 13.76 4.41
CA ILE A 147 21.56 12.95 3.62
C ILE A 147 21.63 11.50 4.12
N ALA A 148 22.85 11.00 4.33
CA ALA A 148 23.03 9.64 4.79
C ALA A 148 22.41 9.43 6.17
N ASP A 149 22.47 10.46 7.03
CA ASP A 149 21.91 10.36 8.36
C ASP A 149 20.39 10.22 8.30
N GLY A 150 19.77 11.05 7.46
CA GLY A 150 18.32 10.99 7.32
C GLY A 150 17.91 9.63 6.78
N MET A 151 18.67 9.12 5.83
CA MET A 151 18.37 7.82 5.24
C MET A 151 18.60 6.69 6.25
N ALA A 152 19.64 6.81 7.07
CA ALA A 152 19.93 5.78 8.06
C ALA A 152 18.78 5.73 9.06
N TYR A 153 18.25 6.90 9.41
CA TYR A 153 17.13 6.99 10.34
C TYR A 153 15.92 6.28 9.75
N LEU A 154 15.63 6.60 8.48
CA LEU A 154 14.49 6.00 7.82
C LEU A 154 14.66 4.47 7.73
N ASN A 155 15.84 4.03 7.32
CA ASN A 155 16.10 2.60 7.19
C ASN A 155 15.97 1.90 8.55
N ALA A 156 16.41 2.57 9.61
CA ALA A 156 16.33 2.00 10.95
C ALA A 156 14.88 1.80 11.36
N ASN A 157 13.98 2.59 10.78
CA ASN A 157 12.57 2.47 11.10
C ASN A 157 11.85 1.64 10.04
N LYS A 158 12.64 0.87 9.30
CA LYS A 158 12.17 -0.05 8.26
C LYS A 158 11.53 0.59 7.04
N PHE A 159 11.98 1.79 6.68
CA PHE A 159 11.46 2.46 5.50
C PHE A 159 12.52 2.61 4.42
N VAL A 160 12.09 2.45 3.17
CA VAL A 160 12.97 2.64 2.03
C VAL A 160 12.37 3.83 1.27
N HIS A 161 13.20 4.55 0.55
CA HIS A 161 12.74 5.72 -0.17
C HIS A 161 12.17 5.41 -1.55
N ARG A 162 12.97 4.74 -2.38
CA ARG A 162 12.61 4.37 -3.75
C ARG A 162 12.80 5.50 -4.76
N ASP A 163 12.88 6.75 -4.29
CA ASP A 163 13.08 7.88 -5.20
C ASP A 163 14.06 8.91 -4.62
N LEU A 164 15.14 8.41 -4.02
CA LEU A 164 16.16 9.29 -3.45
C LEU A 164 16.91 9.91 -4.63
N ALA A 165 17.03 11.23 -4.60
CA ALA A 165 17.70 11.99 -5.65
C ALA A 165 17.83 13.41 -5.14
N ALA A 166 18.70 14.20 -5.76
CA ALA A 166 18.89 15.58 -5.33
C ALA A 166 17.58 16.37 -5.31
N ARG A 167 16.73 16.15 -6.31
CA ARG A 167 15.45 16.85 -6.41
C ARG A 167 14.53 16.54 -5.24
N ASN A 168 14.82 15.46 -4.51
CA ASN A 168 14.00 15.08 -3.38
C ASN A 168 14.67 15.30 -2.02
N CYS A 169 15.74 16.08 -2.04
CA CYS A 169 16.45 16.47 -0.82
C CYS A 169 16.18 17.97 -0.76
N MET A 170 16.07 18.51 0.45
CA MET A 170 15.77 19.93 0.62
C MET A 170 16.86 20.66 1.39
N VAL A 171 17.00 21.96 1.13
CA VAL A 171 18.03 22.76 1.77
C VAL A 171 17.40 23.81 2.69
N ALA A 172 17.81 23.79 3.96
CA ALA A 172 17.29 24.72 4.95
C ALA A 172 17.94 26.09 4.91
N GLU A 173 17.38 27.02 5.66
CA GLU A 173 17.90 28.37 5.75
C GLU A 173 19.38 28.37 6.10
N ASP A 174 19.77 27.49 7.03
CA ASP A 174 21.18 27.41 7.44
C ASP A 174 22.01 26.44 6.60
N PHE A 175 21.46 26.06 5.45
CA PHE A 175 22.12 25.16 4.49
C PHE A 175 22.14 23.67 4.84
N THR A 176 21.49 23.28 5.91
CA THR A 176 21.43 21.87 6.29
C THR A 176 20.59 21.15 5.23
N VAL A 177 21.05 19.99 4.78
CA VAL A 177 20.29 19.23 3.80
C VAL A 177 19.49 18.16 4.53
N LYS A 178 18.25 17.95 4.10
CA LYS A 178 17.38 16.97 4.74
C LYS A 178 16.61 16.17 3.68
N ILE A 179 16.16 14.98 4.06
CA ILE A 179 15.37 14.16 3.15
C ILE A 179 14.02 14.84 3.06
N GLY A 180 13.57 15.12 1.84
CA GLY A 180 12.30 15.79 1.66
C GLY A 180 11.05 14.96 1.87
N ASP A 181 9.93 15.66 2.07
CA ASP A 181 8.64 15.01 2.28
C ASP A 181 7.97 14.77 0.93
N PHE A 182 6.91 13.97 0.95
CA PHE A 182 6.18 13.62 -0.26
C PHE A 182 5.51 14.79 -0.98
N GLY A 183 5.22 14.58 -2.25
CA GLY A 183 4.54 15.57 -3.09
C GLY A 183 5.17 16.94 -3.25
N MET A 184 6.50 17.02 -3.16
CA MET A 184 7.18 18.29 -3.28
C MET A 184 8.06 18.44 -4.52
N THR A 185 8.36 17.32 -5.18
CA THR A 185 9.21 17.35 -6.37
C THR A 185 8.74 18.40 -7.38
N ARG A 186 9.65 19.28 -7.79
CA ARG A 186 9.30 20.33 -8.75
C ARG A 186 8.81 19.78 -10.09
N ASP A 187 7.82 20.45 -10.66
CA ASP A 187 7.25 20.03 -11.93
C ASP A 187 8.27 19.92 -13.06
N ILE A 188 9.27 20.80 -13.06
CA ILE A 188 10.29 20.79 -14.11
C ILE A 188 11.16 19.54 -14.10
N TYR A 189 11.11 18.76 -13.02
CA TYR A 189 11.93 17.55 -12.95
C TYR A 189 11.15 16.29 -13.33
N GLU A 190 9.99 16.46 -13.93
CA GLU A 190 9.21 15.31 -14.36
C GLU A 190 10.02 14.62 -15.45
N THR A 191 10.95 15.36 -16.05
CA THR A 191 11.79 14.80 -17.10
C THR A 191 12.78 13.78 -16.54
N ASP A 192 12.90 13.73 -15.21
CA ASP A 192 13.81 12.78 -14.56
C ASP A 192 13.16 11.41 -14.41
N TYR A 193 11.97 11.25 -14.97
CA TYR A 193 11.26 9.98 -14.90
C TYR A 193 10.92 9.40 -16.27
N TYR A 194 10.85 8.07 -16.32
CA TYR A 194 10.57 7.35 -17.57
C TYR A 194 9.50 6.28 -17.38
N ARG A 195 8.67 6.11 -18.41
CA ARG A 195 7.61 5.11 -18.39
C ARG A 195 8.22 3.75 -18.73
N LYS A 196 9.00 3.21 -17.80
CA LYS A 196 9.65 1.92 -17.99
C LYS A 196 8.66 0.82 -18.38
N GLY A 197 8.92 0.17 -19.50
CA GLY A 197 8.03 -0.89 -19.96
C GLY A 197 6.66 -0.37 -20.34
N GLY A 198 6.48 0.94 -20.23
CA GLY A 198 5.21 1.55 -20.57
C GLY A 198 4.26 1.61 -19.39
N LYS A 199 4.80 1.39 -18.19
CA LYS A 199 3.98 1.43 -16.97
C LYS A 199 4.14 2.75 -16.24
N GLY A 200 4.19 2.68 -14.91
CA GLY A 200 4.33 3.88 -14.11
C GLY A 200 5.62 4.63 -14.33
N LEU A 201 5.69 5.87 -13.83
CA LEU A 201 6.88 6.69 -13.95
C LEU A 201 7.97 6.24 -13.00
N LEU A 202 9.15 5.93 -13.55
CA LEU A 202 10.28 5.48 -12.76
C LEU A 202 11.51 6.35 -12.97
N PRO A 203 12.25 6.63 -11.88
CA PRO A 203 13.47 7.45 -11.94
C PRO A 203 14.63 6.56 -12.36
N VAL A 204 14.54 6.05 -13.58
CA VAL A 204 15.55 5.12 -14.09
C VAL A 204 17.02 5.51 -13.97
N ARG A 205 17.35 6.79 -14.08
CA ARG A 205 18.74 7.21 -13.97
C ARG A 205 19.28 7.16 -12.54
N TRP A 206 18.40 6.89 -11.58
CA TRP A 206 18.78 6.81 -10.17
C TRP A 206 18.59 5.40 -9.60
N MET A 207 18.07 4.49 -10.43
CA MET A 207 17.78 3.13 -9.99
C MET A 207 18.90 2.10 -10.06
N SER A 208 18.92 1.22 -9.07
CA SER A 208 19.92 0.17 -8.99
C SER A 208 19.67 -0.89 -10.06
N PRO A 209 20.70 -1.70 -10.37
CA PRO A 209 20.55 -2.77 -11.37
C PRO A 209 19.41 -3.72 -11.02
N GLU A 210 19.31 -4.10 -9.75
CA GLU A 210 18.27 -5.03 -9.33
C GLU A 210 16.87 -4.43 -9.36
N SER A 211 16.77 -3.12 -9.18
CA SER A 211 15.46 -2.46 -9.23
C SER A 211 15.01 -2.44 -10.68
N LEU A 212 15.95 -2.19 -11.58
CA LEU A 212 15.66 -2.15 -13.01
C LEU A 212 15.33 -3.54 -13.55
N LYS A 213 16.09 -4.54 -13.10
CA LYS A 213 15.93 -5.92 -13.56
C LYS A 213 14.82 -6.72 -12.89
N ASP A 214 14.74 -6.64 -11.56
CA ASP A 214 13.75 -7.41 -10.81
C ASP A 214 12.60 -6.60 -10.22
N GLY A 215 12.71 -5.29 -10.25
CA GLY A 215 11.65 -4.43 -9.73
C GLY A 215 11.64 -4.31 -8.21
N VAL A 216 12.71 -4.78 -7.57
CA VAL A 216 12.82 -4.72 -6.12
C VAL A 216 13.58 -3.52 -5.60
N PHE A 217 13.10 -2.95 -4.51
CA PHE A 217 13.75 -1.80 -3.87
C PHE A 217 13.99 -2.14 -2.40
N THR A 218 15.22 -1.88 -1.95
CA THR A 218 15.59 -2.15 -0.57
C THR A 218 16.50 -1.03 -0.09
N THR A 219 16.97 -1.15 1.15
CA THR A 219 17.85 -0.12 1.65
C THR A 219 19.10 -0.12 0.76
N TYR A 220 19.45 -1.28 0.22
CA TYR A 220 20.61 -1.42 -0.66
C TYR A 220 20.43 -0.56 -1.93
N SER A 221 19.22 -0.54 -2.46
CA SER A 221 18.96 0.25 -3.66
C SER A 221 18.92 1.73 -3.31
N ASP A 222 18.54 2.07 -2.08
CA ASP A 222 18.55 3.46 -1.66
C ASP A 222 20.00 3.92 -1.62
N VAL A 223 20.89 3.03 -1.20
CA VAL A 223 22.32 3.36 -1.15
C VAL A 223 22.85 3.60 -2.55
N TRP A 224 22.36 2.83 -3.52
CA TRP A 224 22.77 3.02 -4.90
C TRP A 224 22.38 4.44 -5.33
N SER A 225 21.13 4.81 -5.05
CA SER A 225 20.65 6.14 -5.42
C SER A 225 21.44 7.24 -4.70
N PHE A 226 21.85 6.97 -3.47
CA PHE A 226 22.63 7.93 -2.70
C PHE A 226 23.93 8.20 -3.46
N GLY A 227 24.49 7.14 -4.05
CA GLY A 227 25.71 7.31 -4.83
C GLY A 227 25.48 8.28 -5.97
N VAL A 228 24.32 8.16 -6.62
CA VAL A 228 23.99 9.06 -7.71
C VAL A 228 23.80 10.48 -7.18
N VAL A 229 23.25 10.62 -5.98
CA VAL A 229 23.07 11.95 -5.39
C VAL A 229 24.46 12.57 -5.15
N LEU A 230 25.43 11.78 -4.73
CA LEU A 230 26.78 12.29 -4.53
C LEU A 230 27.33 12.78 -5.85
N TRP A 231 27.03 12.04 -6.91
CA TRP A 231 27.48 12.38 -8.25
C TRP A 231 26.82 13.70 -8.64
N GLU A 232 25.57 13.90 -8.26
CA GLU A 232 24.86 15.12 -8.56
C GLU A 232 25.53 16.29 -7.86
N ILE A 233 25.86 16.10 -6.58
CA ILE A 233 26.52 17.14 -5.80
C ILE A 233 27.85 17.53 -6.45
N ALA A 234 28.62 16.53 -6.86
CA ALA A 234 29.93 16.76 -7.48
C ALA A 234 29.88 17.38 -8.88
N THR A 235 28.73 17.27 -9.54
CA THR A 235 28.58 17.81 -10.89
C THR A 235 27.65 19.02 -10.94
N LEU A 236 27.23 19.49 -9.77
CA LEU A 236 26.31 20.62 -9.68
C LEU A 236 25.01 20.25 -10.39
N ALA A 237 24.59 19.00 -10.16
CA ALA A 237 23.36 18.45 -10.70
C ALA A 237 23.22 18.28 -12.21
N GLU A 238 24.23 17.69 -12.84
CA GLU A 238 24.13 17.42 -14.27
C GLU A 238 23.20 16.20 -14.33
N GLN A 239 22.65 15.91 -15.50
CA GLN A 239 21.78 14.74 -15.63
C GLN A 239 22.66 13.50 -15.73
N PRO A 240 22.39 12.49 -14.91
CA PRO A 240 23.19 11.26 -14.96
C PRO A 240 23.05 10.56 -16.31
N TYR A 241 24.17 10.06 -16.83
CA TYR A 241 24.19 9.35 -18.12
C TYR A 241 23.71 10.27 -19.25
N GLN A 242 24.14 11.53 -19.18
CA GLN A 242 23.79 12.56 -20.15
C GLN A 242 23.66 12.08 -21.61
N GLY A 243 24.67 11.39 -22.10
CA GLY A 243 24.65 10.93 -23.48
C GLY A 243 23.87 9.66 -23.80
N LEU A 244 23.00 9.23 -22.89
CA LEU A 244 22.24 8.01 -23.12
C LEU A 244 20.74 8.23 -22.95
N SER A 245 19.94 7.56 -23.79
CA SER A 245 18.50 7.66 -23.69
C SER A 245 18.10 6.81 -22.49
N ASN A 246 16.88 6.98 -21.99
CA ASN A 246 16.44 6.19 -20.85
C ASN A 246 16.56 4.70 -21.11
N GLU A 247 16.22 4.26 -22.31
CA GLU A 247 16.31 2.86 -22.67
C GLU A 247 17.76 2.38 -22.61
N GLN A 248 18.68 3.22 -23.08
CA GLN A 248 20.09 2.87 -23.07
C GLN A 248 20.63 2.79 -21.64
N VAL A 249 20.10 3.64 -20.76
CA VAL A 249 20.52 3.65 -19.37
C VAL A 249 20.15 2.31 -18.73
N LEU A 250 18.93 1.86 -19.01
CA LEU A 250 18.43 0.60 -18.47
C LEU A 250 19.41 -0.54 -18.76
N ARG A 251 19.82 -0.65 -20.02
CA ARG A 251 20.75 -1.69 -20.44
C ARG A 251 22.15 -1.49 -19.87
N PHE A 252 22.67 -0.26 -19.98
CA PHE A 252 24.00 0.07 -19.49
C PHE A 252 24.18 -0.31 -18.01
N VAL A 253 23.25 0.14 -17.18
CA VAL A 253 23.34 -0.13 -15.74
C VAL A 253 23.13 -1.61 -15.38
N MET A 254 22.17 -2.27 -16.00
CA MET A 254 21.93 -3.67 -15.70
C MET A 254 23.11 -4.53 -16.13
N GLU A 255 23.87 -4.05 -17.11
CA GLU A 255 25.03 -4.79 -17.61
C GLU A 255 26.32 -4.48 -16.85
N GLY A 256 26.22 -3.68 -15.79
CA GLY A 256 27.38 -3.36 -15.00
C GLY A 256 28.02 -2.01 -15.26
N GLY A 257 27.40 -1.20 -16.12
CA GLY A 257 27.95 0.10 -16.43
C GLY A 257 27.88 1.06 -15.25
N LEU A 258 28.83 2.00 -15.18
CA LEU A 258 28.89 2.97 -14.10
C LEU A 258 29.11 4.40 -14.60
N LEU A 259 28.63 5.38 -13.82
CA LEU A 259 28.81 6.78 -14.17
C LEU A 259 30.30 7.10 -14.10
N ASP A 260 30.77 7.99 -14.97
CA ASP A 260 32.18 8.37 -14.97
C ASP A 260 32.48 9.34 -13.84
N LYS A 261 33.72 9.34 -13.37
CA LYS A 261 34.13 10.23 -12.30
C LYS A 261 34.00 11.67 -12.82
N PRO A 262 33.27 12.52 -12.09
CA PRO A 262 33.08 13.92 -12.50
C PRO A 262 34.41 14.66 -12.55
N ASP A 263 34.46 15.72 -13.35
CA ASP A 263 35.69 16.50 -13.46
C ASP A 263 35.96 17.18 -12.13
N ASN A 264 37.21 17.12 -11.69
CA ASN A 264 37.61 17.75 -10.43
C ASN A 264 36.97 17.14 -9.18
N CYS A 265 36.38 15.95 -9.32
CA CYS A 265 35.76 15.30 -8.17
C CYS A 265 36.82 14.72 -7.24
N PRO A 266 36.78 15.08 -5.95
CA PRO A 266 37.76 14.57 -4.98
C PRO A 266 37.77 13.04 -5.00
N ASP A 267 38.95 12.45 -4.88
CA ASP A 267 39.07 11.00 -4.89
C ASP A 267 38.18 10.28 -3.90
N MET A 268 38.17 10.75 -2.65
CA MET A 268 37.38 10.09 -1.61
C MET A 268 35.88 10.08 -1.93
N LEU A 269 35.39 11.14 -2.57
CA LEU A 269 33.97 11.19 -2.92
C LEU A 269 33.63 10.18 -4.00
N PHE A 270 34.49 10.06 -5.02
CA PHE A 270 34.24 9.10 -6.07
C PHE A 270 34.38 7.68 -5.54
N GLU A 271 35.31 7.48 -4.60
CA GLU A 271 35.49 6.15 -4.03
C GLU A 271 34.21 5.74 -3.29
N LEU A 272 33.57 6.71 -2.65
CA LEU A 272 32.33 6.43 -1.93
C LEU A 272 31.27 6.05 -2.96
N MET A 273 31.24 6.77 -4.09
CA MET A 273 30.28 6.48 -5.16
C MET A 273 30.44 5.05 -5.63
N ARG A 274 31.68 4.65 -5.91
CA ARG A 274 31.98 3.30 -6.39
C ARG A 274 31.51 2.23 -5.40
N MET A 275 31.61 2.54 -4.11
CA MET A 275 31.16 1.58 -3.11
C MET A 275 29.64 1.49 -3.14
N CYS A 276 28.98 2.62 -3.36
CA CYS A 276 27.52 2.64 -3.43
C CYS A 276 27.03 1.96 -4.69
N TRP A 277 27.91 1.83 -5.68
CA TRP A 277 27.54 1.22 -6.95
C TRP A 277 28.03 -0.21 -7.14
N GLN A 278 28.32 -0.90 -6.05
CA GLN A 278 28.72 -2.31 -6.15
C GLN A 278 27.52 -2.98 -6.82
N TYR A 279 27.77 -3.83 -7.80
CA TYR A 279 26.68 -4.49 -8.51
C TYR A 279 25.85 -5.37 -7.58
N ASN A 280 26.51 -6.11 -6.71
CA ASN A 280 25.82 -6.97 -5.75
C ASN A 280 25.37 -6.08 -4.59
N PRO A 281 24.05 -5.98 -4.36
CA PRO A 281 23.46 -5.16 -3.30
C PRO A 281 24.10 -5.28 -1.92
N LYS A 282 24.33 -6.50 -1.46
CA LYS A 282 24.90 -6.69 -0.13
C LYS A 282 26.32 -6.18 0.02
N MET A 283 27.02 -5.96 -1.08
CA MET A 283 28.39 -5.46 -1.03
C MET A 283 28.46 -3.95 -0.87
N ARG A 284 27.33 -3.29 -1.02
CA ARG A 284 27.28 -1.84 -0.84
C ARG A 284 27.30 -1.58 0.66
N PRO A 285 27.80 -0.40 1.06
CA PRO A 285 27.82 -0.11 2.49
C PRO A 285 26.43 0.32 2.93
N SER A 286 26.11 0.18 4.21
CA SER A 286 24.83 0.62 4.72
C SER A 286 25.02 2.12 4.94
N PHE A 287 23.93 2.84 5.18
CA PHE A 287 24.06 4.28 5.43
C PHE A 287 24.87 4.52 6.69
N LEU A 288 24.72 3.65 7.68
CA LEU A 288 25.47 3.80 8.92
C LEU A 288 26.96 3.64 8.64
N GLU A 289 27.32 2.67 7.81
CA GLU A 289 28.74 2.45 7.48
C GLU A 289 29.27 3.66 6.73
N ILE A 290 28.46 4.23 5.85
CA ILE A 290 28.86 5.41 5.08
C ILE A 290 29.20 6.55 6.03
N ILE A 291 28.33 6.79 7.01
CA ILE A 291 28.54 7.87 7.97
C ILE A 291 29.81 7.61 8.80
N SER A 292 29.97 6.38 9.25
CA SER A 292 31.15 6.02 10.05
C SER A 292 32.44 6.30 9.31
N SER A 293 32.42 6.17 7.98
CA SER A 293 33.62 6.41 7.18
C SER A 293 33.96 7.88 6.97
N ILE A 294 33.00 8.77 7.25
CA ILE A 294 33.22 10.20 7.08
C ILE A 294 32.91 11.03 8.32
N LYS A 295 32.50 10.40 9.41
CA LYS A 295 32.14 11.13 10.62
C LYS A 295 33.22 12.06 11.14
N GLU A 296 34.49 11.72 10.91
CA GLU A 296 35.58 12.55 11.39
C GLU A 296 35.70 13.85 10.60
N GLU A 297 35.06 13.91 9.44
CA GLU A 297 35.12 15.11 8.61
C GLU A 297 33.83 15.93 8.68
N MET A 298 32.90 15.53 9.55
CA MET A 298 31.63 16.23 9.71
C MET A 298 31.80 17.38 10.70
N GLU A 299 30.91 18.36 10.63
CA GLU A 299 30.97 19.50 11.55
C GLU A 299 30.69 19.00 12.97
N PRO A 300 31.31 19.62 13.98
CA PRO A 300 31.11 19.22 15.37
C PRO A 300 29.63 19.10 15.75
N GLY A 301 28.82 20.02 15.24
CA GLY A 301 27.40 20.01 15.53
C GLY A 301 26.68 18.73 15.13
N PHE A 302 27.28 17.95 14.23
CA PHE A 302 26.65 16.71 13.77
C PHE A 302 26.43 15.73 14.91
N ARG A 303 27.39 15.65 15.82
CA ARG A 303 27.28 14.76 16.97
C ARG A 303 26.07 15.07 17.83
N GLU A 304 25.62 16.32 17.79
CA GLU A 304 24.50 16.76 18.59
C GLU A 304 23.10 16.63 17.98
N VAL A 305 23.01 16.68 16.66
CA VAL A 305 21.71 16.60 16.00
C VAL A 305 21.45 15.34 15.17
N SER A 306 22.49 14.56 14.91
CA SER A 306 22.34 13.37 14.07
C SER A 306 21.70 12.15 14.72
N PHE A 307 21.12 11.30 13.88
CA PHE A 307 20.52 10.05 14.34
C PHE A 307 21.70 9.14 14.67
N TYR A 308 22.75 9.25 13.87
CA TYR A 308 23.95 8.44 14.04
C TYR A 308 24.45 8.42 15.50
N TYR A 309 24.60 9.60 16.09
CA TYR A 309 25.08 9.70 17.47
C TYR A 309 23.98 9.72 18.53
N SER A 310 22.74 9.40 18.12
CA SER A 310 21.63 9.41 19.08
C SER A 310 21.47 8.08 19.80
N GLU A 311 20.69 8.07 20.87
CA GLU A 311 20.47 6.84 21.62
C GLU A 311 19.59 5.88 20.83
N GLU A 312 18.96 6.37 19.77
CA GLU A 312 18.10 5.53 18.95
C GLU A 312 18.95 4.64 18.04
N ASN A 313 20.25 4.89 18.00
CA ASN A 313 21.16 4.11 17.18
C ASN A 313 22.13 3.31 18.05
N ASN B 5 2.24 1.73 4.38
CA ASN B 5 1.72 2.93 3.66
C ASN B 5 2.08 2.87 2.18
N PRO B 6 1.07 2.90 1.31
CA PRO B 6 1.14 2.84 -0.16
C PRO B 6 1.91 3.89 -0.97
N GLU B 7 2.99 4.48 -0.46
CA GLU B 7 3.69 5.46 -1.31
C GLU B 7 5.12 5.91 -0.99
N TYR B 8 5.29 7.22 -0.88
CA TYR B 8 6.59 7.86 -0.67
C TYR B 8 7.65 7.14 0.16
N PHE B 9 7.32 6.82 1.41
CA PHE B 9 8.25 6.08 2.28
C PHE B 9 7.52 4.77 2.52
N SER B 10 8.11 3.65 2.10
CA SER B 10 7.45 2.36 2.26
C SER B 10 8.36 1.26 2.78
N ALA B 11 7.79 0.08 3.00
CA ALA B 11 8.57 -1.05 3.46
C ALA B 11 9.39 -1.59 2.29
N ALA B 12 10.53 -2.19 2.61
CA ALA B 12 11.41 -2.73 1.59
C ALA B 12 10.82 -3.97 0.93
N ASP B 13 11.28 -4.25 -0.28
CA ASP B 13 10.84 -5.41 -1.03
C ASP B 13 11.67 -6.62 -0.62
N VAL B 14 11.42 -7.09 0.60
CA VAL B 14 12.12 -8.24 1.13
C VAL B 14 11.16 -9.07 1.97
N TYR B 15 11.49 -10.33 2.16
CA TYR B 15 10.68 -11.21 2.99
C TYR B 15 11.61 -11.90 3.96
N VAL B 16 11.33 -11.75 5.26
CA VAL B 16 12.14 -12.36 6.29
C VAL B 16 11.43 -13.61 6.83
N PRO B 17 12.00 -14.79 6.59
CA PRO B 17 11.38 -16.03 7.08
C PRO B 17 11.19 -16.00 8.58
N ASP B 18 10.06 -16.52 9.05
CA ASP B 18 9.74 -16.57 10.47
C ASP B 18 9.13 -17.91 10.85
N GLU B 19 8.38 -17.94 11.94
CA GLU B 19 7.77 -19.17 12.43
C GLU B 19 6.78 -19.79 11.45
N TRP B 20 6.33 -19.02 10.47
CA TRP B 20 5.38 -19.54 9.48
C TRP B 20 6.03 -20.33 8.36
N GLU B 21 7.36 -20.31 8.30
CA GLU B 21 8.08 -21.03 7.26
C GLU B 21 7.90 -22.54 7.42
N VAL B 22 7.56 -23.20 6.32
CA VAL B 22 7.37 -24.65 6.33
C VAL B 22 8.39 -25.28 5.38
N ALA B 23 9.05 -26.34 5.84
CA ALA B 23 10.04 -27.02 4.99
C ALA B 23 9.32 -27.66 3.81
N ARG B 24 9.88 -27.52 2.61
CA ARG B 24 9.24 -28.09 1.44
C ARG B 24 9.09 -29.61 1.56
N GLU B 25 9.94 -30.22 2.39
CA GLU B 25 9.88 -31.67 2.60
C GLU B 25 8.60 -32.11 3.29
N LYS B 26 7.90 -31.17 3.91
CA LYS B 26 6.66 -31.51 4.61
C LYS B 26 5.43 -31.34 3.73
N ILE B 27 5.67 -31.05 2.44
CA ILE B 27 4.58 -30.83 1.49
C ILE B 27 4.57 -31.80 0.32
N THR B 28 3.37 -32.08 -0.19
CA THR B 28 3.20 -32.92 -1.37
C THR B 28 2.07 -32.31 -2.20
N MET B 29 2.22 -32.31 -3.52
CA MET B 29 1.21 -31.77 -4.43
C MET B 29 0.37 -32.92 -4.95
N SER B 30 -0.95 -32.78 -4.90
CA SER B 30 -1.86 -33.84 -5.35
C SER B 30 -2.42 -33.60 -6.76
N ARG B 31 -3.02 -32.43 -6.99
CA ARG B 31 -3.59 -32.11 -8.29
C ARG B 31 -3.84 -30.62 -8.46
N GLU B 32 -3.97 -30.16 -9.70
CA GLU B 32 -4.23 -28.75 -9.99
C GLU B 32 -5.68 -28.42 -9.65
N LEU B 33 -5.92 -27.19 -9.18
CA LEU B 33 -7.26 -26.76 -8.84
C LEU B 33 -7.71 -25.66 -9.78
N GLY B 34 -6.76 -24.93 -10.34
CA GLY B 34 -7.07 -23.86 -11.26
C GLY B 34 -6.08 -22.73 -11.18
N GLN B 35 -6.07 -21.88 -12.21
CA GLN B 35 -5.15 -20.76 -12.27
C GLN B 35 -5.54 -19.65 -11.31
N GLY B 36 -4.60 -19.22 -10.48
CA GLY B 36 -4.87 -18.12 -9.55
C GLY B 36 -4.21 -16.87 -10.10
N SER B 37 -4.38 -15.74 -9.43
CA SER B 37 -3.80 -14.49 -9.88
C SER B 37 -2.28 -14.53 -10.04
N PHE B 38 -1.61 -15.17 -9.08
CA PHE B 38 -0.15 -15.25 -9.11
C PHE B 38 0.41 -16.49 -9.79
N GLY B 39 -0.43 -17.51 -9.94
CA GLY B 39 0.01 -18.74 -10.56
C GLY B 39 -0.93 -19.88 -10.26
N MET B 40 -0.59 -21.07 -10.72
CA MET B 40 -1.43 -22.25 -10.51
C MET B 40 -1.63 -22.55 -9.03
N VAL B 41 -2.85 -22.96 -8.68
CA VAL B 41 -3.20 -23.33 -7.32
C VAL B 41 -3.37 -24.85 -7.32
N TYR B 42 -2.90 -25.50 -6.27
CA TYR B 42 -2.98 -26.95 -6.18
C TYR B 42 -3.62 -27.40 -4.88
N GLU B 43 -4.02 -28.67 -4.85
CA GLU B 43 -4.52 -29.26 -3.63
C GLU B 43 -3.37 -30.17 -3.25
N GLY B 44 -3.08 -30.29 -1.96
CA GLY B 44 -2.00 -31.15 -1.53
C GLY B 44 -2.12 -31.53 -0.08
N VAL B 45 -1.01 -31.96 0.50
CA VAL B 45 -0.96 -32.37 1.90
C VAL B 45 0.25 -31.72 2.55
N ALA B 46 0.07 -31.24 3.78
CA ALA B 46 1.17 -30.61 4.51
C ALA B 46 1.22 -31.22 5.91
N LYS B 47 2.43 -31.53 6.36
CA LYS B 47 2.61 -32.10 7.69
C LYS B 47 2.92 -31.03 8.72
N GLY B 48 2.40 -31.22 9.94
CA GLY B 48 2.65 -30.29 11.02
C GLY B 48 2.18 -28.84 10.87
N VAL B 49 1.04 -28.62 10.22
CA VAL B 49 0.53 -27.26 10.07
C VAL B 49 -0.71 -27.00 10.93
N VAL B 50 -1.27 -28.06 11.49
CA VAL B 50 -2.43 -27.96 12.36
C VAL B 50 -2.15 -28.73 13.63
N LYS B 51 -2.43 -28.11 14.78
CA LYS B 51 -2.17 -28.74 16.07
C LYS B 51 -2.84 -30.10 16.21
N ASP B 52 -2.08 -31.08 16.68
CA ASP B 52 -2.56 -32.43 16.90
C ASP B 52 -2.99 -33.17 15.63
N GLU B 53 -2.63 -32.60 14.47
CA GLU B 53 -2.95 -33.23 13.18
C GLU B 53 -1.65 -33.57 12.47
N PRO B 54 -1.31 -34.87 12.39
CA PRO B 54 -0.08 -35.30 11.72
C PRO B 54 0.07 -34.67 10.32
N GLU B 55 -0.97 -34.80 9.51
CA GLU B 55 -0.96 -34.22 8.18
C GLU B 55 -2.32 -33.61 7.87
N THR B 56 -2.33 -32.59 7.03
CA THR B 56 -3.56 -31.89 6.68
C THR B 56 -3.70 -31.67 5.18
N ARG B 57 -4.93 -31.81 4.68
CA ARG B 57 -5.19 -31.58 3.27
C ARG B 57 -5.18 -30.06 3.14
N VAL B 58 -4.49 -29.54 2.14
CA VAL B 58 -4.38 -28.10 1.99
C VAL B 58 -4.48 -27.60 0.56
N ALA B 59 -4.63 -26.28 0.44
CA ALA B 59 -4.66 -25.62 -0.86
C ALA B 59 -3.25 -25.03 -0.92
N ILE B 60 -2.61 -25.10 -2.08
CA ILE B 60 -1.26 -24.56 -2.19
C ILE B 60 -1.20 -23.57 -3.34
N LYS B 61 -1.02 -22.30 -3.00
CA LYS B 61 -0.91 -21.25 -4.00
C LYS B 61 0.55 -21.10 -4.39
N THR B 62 0.80 -20.95 -5.69
CA THR B 62 2.17 -20.80 -6.16
C THR B 62 2.34 -19.53 -6.97
N VAL B 63 3.60 -19.14 -7.17
CA VAL B 63 3.91 -17.97 -7.97
C VAL B 63 4.54 -18.51 -9.24
N ASN B 64 4.01 -18.12 -10.39
CA ASN B 64 4.55 -18.59 -11.66
C ASN B 64 6.05 -18.33 -11.68
N GLU B 65 6.82 -19.32 -12.12
CA GLU B 65 8.27 -19.19 -12.18
C GLU B 65 8.77 -18.00 -13.00
N ALA B 66 7.95 -17.53 -13.94
CA ALA B 66 8.32 -16.41 -14.80
C ALA B 66 8.08 -15.05 -14.16
N ALA B 67 7.48 -15.03 -12.98
CA ALA B 67 7.19 -13.77 -12.30
C ALA B 67 8.49 -13.10 -11.86
N SER B 68 8.42 -11.80 -11.58
CA SER B 68 9.59 -11.05 -11.15
C SER B 68 9.78 -11.27 -9.66
N MET B 69 10.96 -10.95 -9.15
CA MET B 69 11.22 -11.09 -7.72
C MET B 69 10.28 -10.18 -6.94
N ARG B 70 9.97 -9.02 -7.52
CA ARG B 70 9.07 -8.06 -6.87
C ARG B 70 7.70 -8.73 -6.69
N GLU B 71 7.25 -9.41 -7.72
CA GLU B 71 5.96 -10.09 -7.69
C GLU B 71 5.93 -11.22 -6.64
N ARG B 72 7.04 -11.94 -6.51
CA ARG B 72 7.10 -13.01 -5.52
C ARG B 72 7.02 -12.40 -4.12
N ILE B 73 7.64 -11.23 -3.96
CA ILE B 73 7.62 -10.52 -2.69
C ILE B 73 6.19 -10.06 -2.36
N GLU B 74 5.52 -9.47 -3.35
CA GLU B 74 4.16 -9.01 -3.16
C GLU B 74 3.27 -10.16 -2.70
N PHE B 75 3.47 -11.30 -3.34
CA PHE B 75 2.73 -12.52 -3.02
C PHE B 75 2.92 -12.86 -1.54
N LEU B 76 4.18 -12.87 -1.11
CA LEU B 76 4.49 -13.17 0.28
C LEU B 76 3.97 -12.10 1.24
N ASN B 77 4.00 -10.84 0.80
CA ASN B 77 3.52 -9.73 1.63
C ASN B 77 2.03 -9.90 1.89
N GLU B 78 1.28 -10.23 0.84
CA GLU B 78 -0.15 -10.42 0.94
C GLU B 78 -0.47 -11.57 1.89
N ALA B 79 0.27 -12.66 1.78
CA ALA B 79 0.03 -13.80 2.65
C ALA B 79 0.32 -13.43 4.10
N SER B 80 1.37 -12.64 4.30
CA SER B 80 1.77 -12.22 5.63
C SER B 80 0.70 -11.42 6.38
N VAL B 81 -0.15 -10.72 5.63
CA VAL B 81 -1.22 -9.96 6.25
C VAL B 81 -2.11 -10.89 7.08
N MET B 82 -2.27 -12.11 6.59
CA MET B 82 -3.11 -13.10 7.25
C MET B 82 -2.50 -13.81 8.45
N LYS B 83 -1.21 -13.59 8.70
CA LYS B 83 -0.55 -14.23 9.82
C LYS B 83 -1.19 -13.84 11.15
N GLU B 84 -1.81 -12.65 11.18
CA GLU B 84 -2.45 -12.16 12.39
C GLU B 84 -3.92 -12.54 12.52
N PHE B 85 -4.47 -13.23 11.52
CA PHE B 85 -5.87 -13.62 11.57
C PHE B 85 -6.10 -14.96 12.25
N ASN B 86 -7.21 -15.04 12.98
CA ASN B 86 -7.58 -16.26 13.68
C ASN B 86 -9.10 -16.26 13.82
N CYS B 87 -9.78 -16.50 12.70
CA CYS B 87 -11.23 -16.50 12.67
C CYS B 87 -11.76 -17.70 11.90
N HIS B 88 -12.74 -18.38 12.49
CA HIS B 88 -13.34 -19.55 11.86
C HIS B 88 -13.98 -19.22 10.51
N HIS B 89 -14.40 -17.97 10.33
CA HIS B 89 -15.06 -17.58 9.09
C HIS B 89 -14.22 -16.83 8.06
N VAL B 90 -12.90 -16.98 8.18
CA VAL B 90 -11.96 -16.40 7.22
C VAL B 90 -11.01 -17.55 6.91
N VAL B 91 -10.78 -17.83 5.64
CA VAL B 91 -9.88 -18.92 5.26
C VAL B 91 -8.53 -18.67 5.93
N ARG B 92 -8.04 -19.70 6.61
CA ARG B 92 -6.80 -19.65 7.37
C ARG B 92 -5.47 -19.89 6.65
N LEU B 93 -4.48 -19.08 6.99
CA LEU B 93 -3.13 -19.24 6.44
C LEU B 93 -2.52 -20.35 7.30
N LEU B 94 -1.86 -21.31 6.66
CA LEU B 94 -1.26 -22.41 7.40
C LEU B 94 0.26 -22.40 7.35
N GLY B 95 0.83 -21.81 6.31
CA GLY B 95 2.27 -21.78 6.21
C GLY B 95 2.78 -21.10 4.97
N VAL B 96 4.09 -20.87 4.93
CA VAL B 96 4.73 -20.21 3.81
C VAL B 96 6.03 -20.92 3.45
N VAL B 97 6.32 -21.01 2.16
CA VAL B 97 7.55 -21.62 1.68
C VAL B 97 8.20 -20.51 0.85
N SER B 98 9.15 -19.80 1.45
CA SER B 98 9.82 -18.70 0.79
C SER B 98 11.21 -19.05 0.27
N GLN B 99 11.61 -20.29 0.46
CA GLN B 99 12.91 -20.77 0.00
C GLN B 99 12.70 -21.71 -1.18
N GLY B 100 13.46 -21.51 -2.26
CA GLY B 100 13.34 -22.38 -3.42
C GLY B 100 12.24 -21.99 -4.40
N GLN B 101 12.13 -22.78 -5.46
CA GLN B 101 11.13 -22.54 -6.51
C GLN B 101 10.16 -23.72 -6.63
N PRO B 102 8.86 -23.43 -6.72
CA PRO B 102 8.33 -22.06 -6.72
C PRO B 102 7.99 -21.60 -5.30
N THR B 103 7.72 -20.31 -5.15
CA THR B 103 7.36 -19.75 -3.86
C THR B 103 5.96 -20.29 -3.60
N LEU B 104 5.68 -20.68 -2.36
CA LEU B 104 4.37 -21.25 -2.03
C LEU B 104 3.74 -20.67 -0.77
N VAL B 105 2.41 -20.66 -0.75
CA VAL B 105 1.65 -20.23 0.40
C VAL B 105 0.67 -21.37 0.66
N ILE B 106 0.67 -21.91 1.88
CA ILE B 106 -0.19 -23.03 2.25
C ILE B 106 -1.44 -22.51 2.95
N MET B 107 -2.61 -22.86 2.42
CA MET B 107 -3.89 -22.40 2.95
C MET B 107 -4.87 -23.50 3.32
N GLU B 108 -5.83 -23.15 4.17
CA GLU B 108 -6.89 -24.06 4.57
C GLU B 108 -7.62 -24.43 3.27
N LEU B 109 -7.86 -25.73 3.07
CA LEU B 109 -8.54 -26.19 1.87
C LEU B 109 -10.05 -26.01 1.98
N MET B 110 -10.66 -25.46 0.93
CA MET B 110 -12.10 -25.26 0.89
C MET B 110 -12.58 -26.14 -0.28
N THR B 111 -12.89 -27.39 0.05
CA THR B 111 -13.27 -28.39 -0.95
C THR B 111 -14.44 -28.13 -1.88
N ARG B 112 -15.36 -27.24 -1.52
CA ARG B 112 -16.49 -27.00 -2.41
C ARG B 112 -16.35 -25.75 -3.27
N GLY B 113 -15.16 -25.15 -3.28
CA GLY B 113 -14.90 -23.99 -4.11
C GLY B 113 -15.51 -22.65 -3.70
N ASP B 114 -15.56 -21.72 -4.64
CA ASP B 114 -16.11 -20.40 -4.35
C ASP B 114 -17.64 -20.43 -4.34
N LEU B 115 -18.22 -19.51 -3.57
CA LEU B 115 -19.67 -19.45 -3.43
C LEU B 115 -20.43 -19.15 -4.72
N LYS B 116 -19.86 -18.36 -5.63
CA LYS B 116 -20.55 -18.07 -6.88
C LYS B 116 -20.71 -19.34 -7.71
N SER B 117 -19.62 -20.10 -7.84
CA SER B 117 -19.67 -21.34 -8.61
C SER B 117 -20.62 -22.32 -7.94
N TYR B 118 -20.56 -22.38 -6.61
CA TYR B 118 -21.42 -23.26 -5.82
C TYR B 118 -22.88 -22.96 -6.08
N LEU B 119 -23.25 -21.69 -5.95
CA LEU B 119 -24.63 -21.27 -6.16
C LEU B 119 -25.13 -21.58 -7.57
N ARG B 120 -24.32 -21.31 -8.58
CA ARG B 120 -24.72 -21.59 -9.95
C ARG B 120 -24.89 -23.08 -10.25
N SER B 121 -24.14 -23.91 -9.54
CA SER B 121 -24.21 -25.35 -9.74
C SER B 121 -25.51 -25.95 -9.21
N LEU B 122 -26.18 -25.21 -8.34
CA LEU B 122 -27.43 -25.70 -7.75
C LEU B 122 -28.60 -25.72 -8.74
N ARG B 123 -28.60 -24.79 -9.69
CA ARG B 123 -29.69 -24.72 -10.66
C ARG B 123 -29.87 -25.99 -11.50
N PRO B 124 -28.80 -26.46 -12.15
CA PRO B 124 -28.91 -27.67 -12.97
C PRO B 124 -29.45 -28.86 -12.19
N ALA B 125 -29.01 -29.00 -10.95
CA ALA B 125 -29.46 -30.10 -10.09
C ALA B 125 -30.96 -30.07 -9.86
N MET B 126 -31.49 -28.88 -9.59
CA MET B 126 -32.93 -28.73 -9.34
C MET B 126 -33.76 -28.94 -10.60
N ALA B 127 -33.22 -28.51 -11.74
CA ALA B 127 -33.92 -28.65 -13.00
C ALA B 127 -34.05 -30.13 -13.40
N ASN B 128 -33.13 -30.94 -12.89
CA ASN B 128 -33.13 -32.36 -13.20
C ASN B 128 -33.87 -33.24 -12.19
N ASN B 129 -34.23 -32.67 -11.04
CA ASN B 129 -34.94 -33.43 -10.02
C ASN B 129 -35.90 -32.54 -9.21
N PRO B 130 -37.21 -32.67 -9.47
CA PRO B 130 -38.25 -31.89 -8.78
C PRO B 130 -38.19 -32.03 -7.25
N VAL B 131 -37.56 -33.10 -6.78
CA VAL B 131 -37.43 -33.33 -5.34
C VAL B 131 -36.61 -32.23 -4.65
N LEU B 132 -35.61 -31.72 -5.36
CA LEU B 132 -34.75 -30.68 -4.82
C LEU B 132 -35.41 -29.30 -4.83
N ALA B 133 -35.13 -28.52 -3.79
CA ALA B 133 -35.67 -27.18 -3.68
C ALA B 133 -34.51 -26.24 -3.41
N PRO B 134 -34.67 -24.95 -3.78
CA PRO B 134 -33.59 -23.98 -3.56
C PRO B 134 -33.27 -23.89 -2.07
N PRO B 135 -32.09 -23.37 -1.73
CA PRO B 135 -31.70 -23.23 -0.32
C PRO B 135 -32.80 -22.55 0.49
N SER B 136 -33.10 -23.12 1.64
CA SER B 136 -34.14 -22.57 2.52
C SER B 136 -33.70 -21.25 3.13
N LEU B 137 -34.64 -20.55 3.75
CA LEU B 137 -34.33 -19.28 4.40
C LEU B 137 -33.32 -19.53 5.50
N SER B 138 -33.47 -20.66 6.19
CA SER B 138 -32.57 -21.02 7.28
C SER B 138 -31.12 -21.18 6.79
N LYS B 139 -30.96 -21.84 5.65
CA LYS B 139 -29.62 -22.05 5.10
C LYS B 139 -29.02 -20.75 4.59
N MET B 140 -29.85 -19.90 4.00
CA MET B 140 -29.35 -18.63 3.49
C MET B 140 -28.95 -17.71 4.64
N ILE B 141 -29.71 -17.75 5.72
CA ILE B 141 -29.38 -16.93 6.88
C ILE B 141 -28.07 -17.41 7.50
N GLN B 142 -27.87 -18.73 7.50
CA GLN B 142 -26.65 -19.31 8.04
C GLN B 142 -25.45 -18.79 7.25
N MET B 143 -25.57 -18.75 5.93
CA MET B 143 -24.49 -18.25 5.09
C MET B 143 -24.26 -16.77 5.35
N ALA B 144 -25.35 -16.02 5.43
CA ALA B 144 -25.26 -14.58 5.67
C ALA B 144 -24.52 -14.31 6.98
N GLY B 145 -24.87 -15.07 8.02
CA GLY B 145 -24.23 -14.88 9.31
C GLY B 145 -22.75 -15.24 9.32
N GLU B 146 -22.39 -16.30 8.62
CA GLU B 146 -20.99 -16.71 8.56
C GLU B 146 -20.14 -15.67 7.82
N ILE B 147 -20.65 -15.19 6.69
CA ILE B 147 -19.96 -14.17 5.91
C ILE B 147 -19.85 -12.89 6.75
N ALA B 148 -20.96 -12.49 7.37
CA ALA B 148 -20.97 -11.29 8.19
C ALA B 148 -20.01 -11.41 9.37
N ASP B 149 -19.87 -12.62 9.91
CA ASP B 149 -18.97 -12.82 11.06
C ASP B 149 -17.51 -12.65 10.64
N GLY B 150 -17.15 -13.21 9.49
CA GLY B 150 -15.79 -13.07 9.03
C GLY B 150 -15.48 -11.61 8.74
N MET B 151 -16.45 -10.91 8.17
CA MET B 151 -16.28 -9.49 7.86
C MET B 151 -16.22 -8.65 9.13
N ALA B 152 -17.01 -9.01 10.13
CA ALA B 152 -16.99 -8.27 11.39
C ALA B 152 -15.61 -8.43 12.03
N TYR B 153 -15.05 -9.62 11.89
CA TYR B 153 -13.73 -9.89 12.45
C TYR B 153 -12.69 -9.01 11.74
N LEU B 154 -12.76 -8.99 10.42
CA LEU B 154 -11.81 -8.19 9.65
C LEU B 154 -11.96 -6.70 9.98
N ASN B 155 -13.19 -6.22 10.03
CA ASN B 155 -13.40 -4.81 10.34
C ASN B 155 -12.90 -4.49 11.74
N ALA B 156 -13.11 -5.42 12.67
CA ALA B 156 -12.66 -5.22 14.05
C ALA B 156 -11.14 -5.04 14.09
N ASN B 157 -10.46 -5.66 13.13
CA ASN B 157 -9.01 -5.56 13.05
C ASN B 157 -8.59 -4.46 12.10
N LYS B 158 -9.51 -3.54 11.83
CA LYS B 158 -9.29 -2.39 10.98
C LYS B 158 -9.04 -2.67 9.50
N PHE B 159 -9.56 -3.78 9.00
CA PHE B 159 -9.40 -4.11 7.60
C PHE B 159 -10.71 -4.00 6.82
N VAL B 160 -10.60 -3.59 5.57
CA VAL B 160 -11.75 -3.51 4.69
C VAL B 160 -11.40 -4.43 3.52
N HIS B 161 -12.42 -4.99 2.89
CA HIS B 161 -12.19 -5.93 1.79
C HIS B 161 -12.00 -5.28 0.43
N ARG B 162 -12.96 -4.46 0.02
CA ARG B 162 -12.96 -3.77 -1.28
C ARG B 162 -13.44 -4.63 -2.44
N ASP B 163 -13.46 -5.95 -2.27
CA ASP B 163 -13.94 -6.83 -3.33
C ASP B 163 -14.77 -7.99 -2.77
N LEU B 164 -15.63 -7.68 -1.80
CA LEU B 164 -16.48 -8.71 -1.22
C LEU B 164 -17.53 -9.05 -2.27
N ALA B 165 -17.69 -10.34 -2.54
CA ALA B 165 -18.64 -10.83 -3.54
C ALA B 165 -18.67 -12.34 -3.39
N ALA B 166 -19.72 -12.98 -3.93
CA ALA B 166 -19.83 -14.43 -3.82
C ALA B 166 -18.59 -15.15 -4.36
N ARG B 167 -18.02 -14.64 -5.47
CA ARG B 167 -16.85 -15.27 -6.06
C ARG B 167 -15.64 -15.23 -5.14
N ASN B 168 -15.70 -14.38 -4.11
CA ASN B 168 -14.59 -14.28 -3.16
C ASN B 168 -14.90 -14.85 -1.78
N CYS B 169 -15.98 -15.61 -1.71
CA CYS B 169 -16.37 -16.32 -0.48
C CYS B 169 -16.13 -17.78 -0.85
N MET B 170 -15.69 -18.59 0.11
CA MET B 170 -15.41 -19.99 -0.16
C MET B 170 -16.30 -20.92 0.65
N VAL B 171 -16.54 -22.11 0.11
CA VAL B 171 -17.41 -23.09 0.77
C VAL B 171 -16.60 -24.31 1.20
N ALA B 172 -16.67 -24.61 2.50
CA ALA B 172 -15.92 -25.75 3.06
C ALA B 172 -16.63 -27.08 2.87
N GLU B 173 -15.90 -28.15 3.19
CA GLU B 173 -16.42 -29.50 3.09
C GLU B 173 -17.75 -29.62 3.83
N ASP B 174 -17.83 -29.02 5.02
CA ASP B 174 -19.06 -29.09 5.79
C ASP B 174 -20.06 -27.98 5.46
N PHE B 175 -19.81 -27.30 4.34
CA PHE B 175 -20.66 -26.22 3.83
C PHE B 175 -20.56 -24.86 4.51
N THR B 176 -19.63 -24.73 5.46
CA THR B 176 -19.43 -23.45 6.13
C THR B 176 -18.86 -22.47 5.11
N VAL B 177 -19.41 -21.26 5.06
CA VAL B 177 -18.92 -20.26 4.13
C VAL B 177 -17.93 -19.37 4.87
N LYS B 178 -16.83 -19.03 4.19
CA LYS B 178 -15.79 -18.20 4.81
C LYS B 178 -15.31 -17.15 3.83
N ILE B 179 -14.76 -16.06 4.36
CA ILE B 179 -14.20 -15.02 3.51
C ILE B 179 -12.92 -15.61 2.90
N GLY B 180 -12.83 -15.57 1.58
CA GLY B 180 -11.67 -16.14 0.91
C GLY B 180 -10.38 -15.34 0.98
N ASP B 181 -9.28 -16.01 0.66
CA ASP B 181 -7.97 -15.38 0.66
C ASP B 181 -7.67 -14.81 -0.72
N PHE B 182 -6.62 -14.00 -0.80
CA PHE B 182 -6.20 -13.34 -2.03
C PHE B 182 -5.78 -14.28 -3.16
N GLY B 183 -5.83 -13.75 -4.38
CA GLY B 183 -5.43 -14.48 -5.58
C GLY B 183 -6.13 -15.78 -5.91
N MET B 184 -7.38 -15.94 -5.48
CA MET B 184 -8.11 -17.17 -5.75
C MET B 184 -9.30 -17.02 -6.70
N THR B 185 -9.70 -15.78 -6.97
CA THR B 185 -10.84 -15.53 -7.85
C THR B 185 -10.71 -16.28 -9.18
N ARG B 186 -11.73 -17.05 -9.55
CA ARG B 186 -11.70 -17.81 -10.80
C ARG B 186 -11.60 -16.93 -12.04
N ASP B 187 -10.83 -17.39 -13.01
CA ASP B 187 -10.63 -16.64 -14.25
C ASP B 187 -11.94 -16.38 -15.00
N ILE B 188 -12.90 -17.28 -14.88
CA ILE B 188 -14.18 -17.13 -15.57
C ILE B 188 -15.00 -15.94 -15.07
N TYR B 189 -14.60 -15.34 -13.96
CA TYR B 189 -15.34 -14.20 -13.44
C TYR B 189 -14.67 -12.87 -13.75
N GLU B 190 -13.78 -12.87 -14.75
CA GLU B 190 -13.11 -11.64 -15.13
C GLU B 190 -14.13 -10.60 -15.59
N THR B 191 -15.26 -11.06 -16.12
CA THR B 191 -16.30 -10.15 -16.58
C THR B 191 -17.00 -9.42 -15.43
N ASP B 192 -16.66 -9.80 -14.20
CA ASP B 192 -17.25 -9.14 -13.03
C ASP B 192 -16.48 -7.86 -12.71
N TYR B 193 -15.46 -7.56 -13.52
CA TYR B 193 -14.64 -6.36 -13.33
C TYR B 193 -14.66 -5.48 -14.56
N TYR B 194 -14.50 -4.18 -14.34
CA TYR B 194 -14.52 -3.20 -15.41
C TYR B 194 -13.48 -2.12 -15.18
N ARG B 195 -12.77 -1.71 -16.23
CA ARG B 195 -11.78 -0.67 -16.09
C ARG B 195 -12.45 0.70 -16.10
N LYS B 196 -13.00 1.08 -14.95
CA LYS B 196 -13.69 2.36 -14.78
C LYS B 196 -12.77 3.53 -15.13
N GLY B 197 -13.26 4.44 -15.96
CA GLY B 197 -12.46 5.58 -16.35
C GLY B 197 -11.22 5.19 -17.13
N GLY B 198 -11.18 3.93 -17.56
CA GLY B 198 -10.03 3.46 -18.31
C GLY B 198 -8.83 3.16 -17.45
N LYS B 199 -9.06 3.03 -16.14
CA LYS B 199 -7.97 2.75 -15.20
C LYS B 199 -7.96 1.30 -14.72
N GLY B 200 -7.76 1.12 -13.42
CA GLY B 200 -7.71 -0.21 -12.85
C GLY B 200 -9.02 -0.96 -12.90
N LEU B 201 -8.94 -2.29 -12.87
CA LEU B 201 -10.13 -3.14 -12.90
C LEU B 201 -10.86 -3.05 -11.57
N LEU B 202 -12.15 -2.74 -11.65
CA LEU B 202 -12.99 -2.61 -10.46
C LEU B 202 -14.28 -3.42 -10.59
N PRO B 203 -14.74 -4.01 -9.48
CA PRO B 203 -15.96 -4.81 -9.43
C PRO B 203 -17.15 -3.86 -9.28
N VAL B 204 -17.40 -3.08 -10.33
CA VAL B 204 -18.46 -2.08 -10.30
C VAL B 204 -19.86 -2.51 -9.89
N ARG B 205 -20.27 -3.73 -10.25
CA ARG B 205 -21.61 -4.18 -9.89
C ARG B 205 -21.75 -4.52 -8.40
N TRP B 206 -20.64 -4.44 -7.66
CA TRP B 206 -20.65 -4.71 -6.22
C TRP B 206 -20.26 -3.49 -5.41
N MET B 207 -19.93 -2.39 -6.10
CA MET B 207 -19.50 -1.18 -5.41
C MET B 207 -20.57 -0.20 -4.95
N SER B 208 -20.31 0.40 -3.80
CA SER B 208 -21.24 1.37 -3.21
C SER B 208 -21.24 2.67 -4.01
N PRO B 209 -22.28 3.49 -3.82
CA PRO B 209 -22.38 4.76 -4.54
C PRO B 209 -21.17 5.65 -4.28
N GLU B 210 -20.73 5.72 -3.02
CA GLU B 210 -19.59 6.57 -2.66
C GLU B 210 -18.26 6.04 -3.19
N SER B 211 -18.16 4.73 -3.37
CA SER B 211 -16.93 4.15 -3.91
C SER B 211 -16.85 4.50 -5.39
N LEU B 212 -18.00 4.46 -6.06
CA LEU B 212 -18.07 4.78 -7.48
C LEU B 212 -17.88 6.27 -7.73
N LYS B 213 -18.46 7.08 -6.87
CA LYS B 213 -18.40 8.53 -7.00
C LYS B 213 -17.13 9.19 -6.45
N ASP B 214 -16.70 8.79 -5.27
CA ASP B 214 -15.53 9.38 -4.63
C ASP B 214 -14.30 8.49 -4.57
N GLY B 215 -14.45 7.21 -4.92
CA GLY B 215 -13.33 6.29 -4.91
C GLY B 215 -12.93 5.80 -3.52
N VAL B 216 -13.79 6.04 -2.53
CA VAL B 216 -13.49 5.63 -1.16
C VAL B 216 -14.14 4.30 -0.78
N PHE B 217 -13.39 3.50 -0.03
CA PHE B 217 -13.86 2.20 0.45
C PHE B 217 -13.71 2.17 1.96
N THR B 218 -14.80 1.80 2.64
CA THR B 218 -14.80 1.73 4.09
C THR B 218 -15.57 0.51 4.50
N THR B 219 -15.73 0.30 5.80
CA THR B 219 -16.48 -0.84 6.24
C THR B 219 -17.92 -0.68 5.75
N TYR B 220 -18.36 0.58 5.61
CA TYR B 220 -19.72 0.88 5.13
C TYR B 220 -19.89 0.35 3.71
N SER B 221 -18.85 0.51 2.88
CA SER B 221 -18.93 0.03 1.51
C SER B 221 -18.86 -1.49 1.46
N ASP B 222 -18.19 -2.11 2.43
CA ASP B 222 -18.14 -3.57 2.47
C ASP B 222 -19.55 -4.08 2.78
N VAL B 223 -20.28 -3.35 3.62
CA VAL B 223 -21.64 -3.73 3.97
C VAL B 223 -22.53 -3.62 2.75
N TRP B 224 -22.27 -2.62 1.90
CA TRP B 224 -23.04 -2.49 0.67
C TRP B 224 -22.82 -3.75 -0.17
N SER B 225 -21.56 -4.14 -0.33
CA SER B 225 -21.22 -5.32 -1.11
C SER B 225 -21.84 -6.58 -0.51
N PHE B 226 -21.90 -6.63 0.83
CA PHE B 226 -22.49 -7.77 1.51
C PHE B 226 -23.95 -7.89 1.09
N GLY B 227 -24.62 -6.75 0.93
CA GLY B 227 -26.01 -6.78 0.49
C GLY B 227 -26.10 -7.42 -0.88
N VAL B 228 -25.16 -7.08 -1.75
CA VAL B 228 -25.14 -7.66 -3.09
C VAL B 228 -24.87 -9.17 -2.99
N VAL B 229 -24.03 -9.59 -2.05
CA VAL B 229 -23.75 -11.01 -1.88
C VAL B 229 -25.04 -11.72 -1.45
N LEU B 230 -25.86 -11.05 -0.63
CA LEU B 230 -27.12 -11.65 -0.21
C LEU B 230 -28.02 -11.82 -1.43
N TRP B 231 -27.98 -10.83 -2.31
CA TRP B 231 -28.77 -10.86 -3.54
C TRP B 231 -28.28 -12.03 -4.40
N GLU B 232 -26.97 -12.25 -4.42
CA GLU B 232 -26.41 -13.36 -5.19
C GLU B 232 -26.93 -14.68 -4.64
N ILE B 233 -26.92 -14.81 -3.31
CA ILE B 233 -27.40 -16.02 -2.67
C ILE B 233 -28.87 -16.28 -3.02
N ALA B 234 -29.68 -15.22 -2.96
CA ALA B 234 -31.12 -15.34 -3.25
C ALA B 234 -31.44 -15.59 -4.72
N THR B 235 -30.51 -15.30 -5.61
CA THR B 235 -30.74 -15.48 -7.05
C THR B 235 -29.90 -16.61 -7.63
N LEU B 236 -29.19 -17.33 -6.76
CA LEU B 236 -28.31 -18.40 -7.20
C LEU B 236 -27.22 -17.81 -8.11
N ALA B 237 -26.76 -16.64 -7.70
CA ALA B 237 -25.69 -15.91 -8.38
C ALA B 237 -25.92 -15.40 -9.80
N GLU B 238 -27.03 -14.69 -10.02
CA GLU B 238 -27.26 -14.10 -11.32
C GLU B 238 -26.33 -12.89 -11.33
N GLN B 239 -26.12 -12.28 -12.49
CA GLN B 239 -25.27 -11.09 -12.57
C GLN B 239 -26.08 -9.90 -12.09
N PRO B 240 -25.57 -9.13 -11.12
CA PRO B 240 -26.31 -7.96 -10.63
C PRO B 240 -26.51 -6.94 -11.76
N TYR B 241 -27.71 -6.35 -11.82
CA TYR B 241 -28.04 -5.35 -12.84
C TYR B 241 -27.94 -5.92 -14.25
N GLN B 242 -28.35 -7.17 -14.40
CA GLN B 242 -28.32 -7.91 -15.65
C GLN B 242 -28.49 -7.11 -16.95
N GLY B 243 -29.57 -6.34 -17.06
CA GLY B 243 -29.82 -5.58 -18.28
C GLY B 243 -29.08 -4.27 -18.48
N LEU B 244 -28.15 -3.96 -17.59
CA LEU B 244 -27.39 -2.71 -17.69
C LEU B 244 -25.93 -2.95 -18.03
N SER B 245 -25.38 -2.08 -18.89
CA SER B 245 -23.98 -2.19 -19.26
C SER B 245 -23.19 -1.67 -18.06
N ASN B 246 -21.88 -1.90 -18.06
CA ASN B 246 -21.06 -1.44 -16.95
C ASN B 246 -21.20 0.06 -16.72
N GLU B 247 -21.13 0.85 -17.79
CA GLU B 247 -21.27 2.29 -17.66
C GLU B 247 -22.64 2.67 -17.09
N GLN B 248 -23.68 1.98 -17.52
CA GLN B 248 -25.03 2.26 -17.03
C GLN B 248 -25.15 1.95 -15.54
N VAL B 249 -24.43 0.91 -15.09
CA VAL B 249 -24.48 0.53 -13.68
C VAL B 249 -23.93 1.68 -12.84
N LEU B 250 -22.83 2.26 -13.30
CA LEU B 250 -22.19 3.38 -12.61
C LEU B 250 -23.19 4.49 -12.32
N ARG B 251 -23.90 4.92 -13.36
CA ARG B 251 -24.88 6.00 -13.23
C ARG B 251 -26.08 5.57 -12.40
N PHE B 252 -26.61 4.37 -12.68
CA PHE B 252 -27.77 3.85 -11.97
C PHE B 252 -27.57 3.85 -10.45
N VAL B 253 -26.47 3.26 -10.01
CA VAL B 253 -26.19 3.19 -8.57
C VAL B 253 -25.86 4.54 -7.94
N MET B 254 -25.05 5.35 -8.60
CA MET B 254 -24.71 6.66 -8.06
C MET B 254 -25.93 7.56 -7.96
N GLU B 255 -26.92 7.33 -8.82
CA GLU B 255 -28.13 8.15 -8.81
C GLU B 255 -29.22 7.58 -7.89
N GLY B 256 -28.87 6.57 -7.10
CA GLY B 256 -29.85 6.00 -6.18
C GLY B 256 -30.57 4.74 -6.59
N GLY B 257 -30.24 4.19 -7.75
CA GLY B 257 -30.88 2.97 -8.20
C GLY B 257 -30.56 1.78 -7.30
N LEU B 258 -31.48 0.82 -7.22
CA LEU B 258 -31.30 -0.36 -6.39
C LEU B 258 -31.67 -1.63 -7.13
N LEU B 259 -31.05 -2.74 -6.75
CA LEU B 259 -31.37 -4.03 -7.36
C LEU B 259 -32.80 -4.39 -6.95
N ASP B 260 -33.52 -5.08 -7.85
CA ASP B 260 -34.89 -5.47 -7.56
C ASP B 260 -34.93 -6.71 -6.67
N LYS B 261 -36.01 -6.85 -5.92
CA LYS B 261 -36.18 -8.00 -5.05
C LYS B 261 -36.25 -9.26 -5.91
N PRO B 262 -35.34 -10.21 -5.67
CA PRO B 262 -35.34 -11.45 -6.45
C PRO B 262 -36.60 -12.27 -6.31
N ASP B 263 -36.90 -13.08 -7.31
CA ASP B 263 -38.08 -13.93 -7.30
C ASP B 263 -38.06 -14.87 -6.11
N ASN B 264 -39.18 -14.91 -5.37
CA ASN B 264 -39.32 -15.78 -4.22
C ASN B 264 -38.34 -15.52 -3.07
N CYS B 265 -37.79 -14.31 -3.01
CA CYS B 265 -36.86 -13.97 -1.95
C CYS B 265 -37.61 -13.66 -0.65
N PRO B 266 -37.25 -14.36 0.45
CA PRO B 266 -37.91 -14.13 1.73
C PRO B 266 -37.87 -12.65 2.08
N ASP B 267 -38.96 -12.12 2.62
CA ASP B 267 -39.04 -10.72 2.97
C ASP B 267 -37.88 -10.23 3.83
N MET B 268 -37.58 -10.97 4.90
CA MET B 268 -36.52 -10.58 5.82
C MET B 268 -35.16 -10.46 5.15
N LEU B 269 -34.89 -11.30 4.16
CA LEU B 269 -33.61 -11.25 3.47
C LEU B 269 -33.51 -9.99 2.61
N PHE B 270 -34.60 -9.64 1.92
CA PHE B 270 -34.60 -8.45 1.09
C PHE B 270 -34.55 -7.20 1.96
N GLU B 271 -35.20 -7.26 3.12
CA GLU B 271 -35.19 -6.13 4.03
C GLU B 271 -33.75 -5.88 4.49
N LEU B 272 -33.00 -6.95 4.68
CA LEU B 272 -31.61 -6.83 5.10
C LEU B 272 -30.82 -6.18 3.95
N MET B 273 -31.12 -6.58 2.72
CA MET B 273 -30.45 -6.01 1.55
C MET B 273 -30.67 -4.51 1.49
N ARG B 274 -31.93 -4.08 1.64
CA ARG B 274 -32.26 -2.66 1.59
C ARG B 274 -31.55 -1.85 2.68
N MET B 275 -31.30 -2.48 3.83
CA MET B 275 -30.60 -1.78 4.90
C MET B 275 -29.13 -1.64 4.50
N CYS B 276 -28.61 -2.65 3.84
CA CYS B 276 -27.22 -2.61 3.39
C CYS B 276 -27.05 -1.62 2.25
N TRP B 277 -28.15 -1.29 1.58
CA TRP B 277 -28.11 -0.37 0.45
C TRP B 277 -28.60 1.04 0.74
N GLN B 278 -28.57 1.43 2.00
CA GLN B 278 -28.93 2.81 2.35
C GLN B 278 -27.94 3.67 1.57
N TYR B 279 -28.41 4.72 0.93
CA TYR B 279 -27.51 5.57 0.15
C TYR B 279 -26.43 6.21 1.03
N ASN B 280 -26.85 6.72 2.19
CA ASN B 280 -25.92 7.34 3.15
C ASN B 280 -25.18 6.20 3.84
N PRO B 281 -23.85 6.13 3.67
CA PRO B 281 -23.03 5.07 4.28
C PRO B 281 -23.27 4.82 5.77
N LYS B 282 -23.34 5.88 6.55
CA LYS B 282 -23.52 5.73 7.99
C LYS B 282 -24.86 5.14 8.40
N MET B 283 -25.84 5.16 7.51
CA MET B 283 -27.16 4.60 7.83
C MET B 283 -27.22 3.09 7.64
N ARG B 284 -26.18 2.53 7.03
CA ARG B 284 -26.12 1.09 6.83
C ARG B 284 -25.74 0.46 8.17
N PRO B 285 -26.19 -0.78 8.43
CA PRO B 285 -25.84 -1.40 9.71
C PRO B 285 -24.39 -1.90 9.64
N SER B 286 -23.77 -2.09 10.79
CA SER B 286 -22.41 -2.62 10.82
C SER B 286 -22.58 -4.13 10.72
N PHE B 287 -21.51 -4.86 10.48
CA PHE B 287 -21.62 -6.31 10.39
C PHE B 287 -22.07 -6.89 11.72
N LEU B 288 -21.64 -6.29 12.81
CA LEU B 288 -22.04 -6.77 14.13
C LEU B 288 -23.55 -6.59 14.31
N GLU B 289 -24.08 -5.45 13.87
CA GLU B 289 -25.52 -5.19 13.99
C GLU B 289 -26.28 -6.20 13.12
N ILE B 290 -25.71 -6.54 11.97
CA ILE B 290 -26.34 -7.50 11.07
C ILE B 290 -26.44 -8.85 11.78
N ILE B 291 -25.35 -9.30 12.38
CA ILE B 291 -25.34 -10.57 13.08
C ILE B 291 -26.31 -10.56 14.25
N SER B 292 -26.35 -9.45 14.98
CA SER B 292 -27.25 -9.32 16.12
C SER B 292 -28.71 -9.51 15.70
N SER B 293 -29.05 -9.05 14.50
CA SER B 293 -30.43 -9.17 14.01
C SER B 293 -30.83 -10.56 13.56
N ILE B 294 -29.85 -11.44 13.35
CA ILE B 294 -30.15 -12.80 12.89
C ILE B 294 -29.56 -13.91 13.76
N LYS B 295 -28.86 -13.55 14.83
CA LYS B 295 -28.22 -14.56 15.67
C LYS B 295 -29.16 -15.64 16.20
N GLU B 296 -30.42 -15.29 16.44
CA GLU B 296 -31.37 -16.27 16.95
C GLU B 296 -31.74 -17.32 15.90
N GLU B 297 -31.41 -17.03 14.64
CA GLU B 297 -31.73 -17.95 13.56
C GLU B 297 -30.51 -18.75 13.09
N MET B 298 -29.38 -18.54 13.76
CA MET B 298 -28.14 -19.25 13.42
C MET B 298 -28.11 -20.61 14.10
N GLU B 299 -27.29 -21.51 13.57
CA GLU B 299 -27.15 -22.84 14.13
C GLU B 299 -26.46 -22.71 15.49
N PRO B 300 -26.81 -23.60 16.44
CA PRO B 300 -26.23 -23.59 17.80
C PRO B 300 -24.71 -23.48 17.84
N GLY B 301 -24.04 -24.17 16.93
CA GLY B 301 -22.58 -24.13 16.89
C GLY B 301 -21.97 -22.77 16.64
N PHE B 302 -22.75 -21.87 16.06
CA PHE B 302 -22.25 -20.53 15.76
C PHE B 302 -21.70 -19.85 17.01
N ARG B 303 -22.36 -20.07 18.13
CA ARG B 303 -21.95 -19.49 19.40
C ARG B 303 -20.55 -19.92 19.83
N GLU B 304 -20.17 -21.14 19.46
CA GLU B 304 -18.87 -21.66 19.85
C GLU B 304 -17.69 -21.33 18.93
N VAL B 305 -17.97 -21.05 17.66
CA VAL B 305 -16.89 -20.76 16.72
C VAL B 305 -16.82 -19.34 16.16
N SER B 306 -17.89 -18.58 16.34
CA SER B 306 -17.95 -17.22 15.80
C SER B 306 -17.12 -16.16 16.50
N PHE B 307 -16.77 -15.13 15.75
CA PHE B 307 -16.04 -13.99 16.31
C PHE B 307 -17.05 -13.25 17.17
N TYR B 308 -18.29 -13.18 16.68
CA TYR B 308 -19.36 -12.47 17.38
C TYR B 308 -19.46 -12.85 18.86
N TYR B 309 -19.51 -14.15 19.15
CA TYR B 309 -19.61 -14.61 20.54
C TYR B 309 -18.27 -14.87 21.20
N SER B 310 -17.18 -14.46 20.54
CA SER B 310 -15.85 -14.68 21.09
C SER B 310 -15.45 -13.70 22.17
N GLU B 311 -14.38 -14.03 22.89
CA GLU B 311 -13.86 -13.18 23.95
C GLU B 311 -13.33 -11.89 23.32
N GLU B 312 -12.90 -11.98 22.08
CA GLU B 312 -12.36 -10.83 21.37
C GLU B 312 -13.44 -9.80 21.02
N ASN B 313 -14.70 -10.13 21.33
CA ASN B 313 -15.80 -9.21 21.05
C ASN B 313 -16.77 -9.07 22.23
N LYS B 314 -16.35 -9.48 23.42
CA LYS B 314 -17.23 -9.39 24.59
C LYS B 314 -17.53 -7.97 25.03
N LEU B 315 -16.54 -7.09 24.98
CA LEU B 315 -16.75 -5.70 25.39
C LEU B 315 -17.06 -4.79 24.20
N PRO B 316 -18.03 -3.87 24.37
CA PRO B 316 -18.40 -2.94 23.29
C PRO B 316 -17.22 -2.05 22.89
N GLU B 317 -16.42 -1.66 23.88
CA GLU B 317 -15.25 -0.83 23.66
C GLU B 317 -14.66 -0.35 24.99
N PRO B 318 -13.63 -1.06 25.49
CA PRO B 318 -12.95 -0.74 26.75
C PRO B 318 -12.47 0.70 26.83
#